data_9NBM
#
_entry.id   9NBM
#
_cell.length_a   1.00
_cell.length_b   1.00
_cell.length_c   1.00
_cell.angle_alpha   90.00
_cell.angle_beta   90.00
_cell.angle_gamma   90.00
#
_symmetry.space_group_name_H-M   'P 1'
#
loop_
_entity.id
_entity.type
_entity.pdbx_description
1 polymer 'Arsenite transporter ATPase-like protein,arsA'
2 non-polymer "ADENOSINE-5'-DIPHOSPHATE"
3 non-polymer 'MAGNESIUM ION'
#
_entity_poly.entity_id   1
_entity_poly.type   'polypeptide(L)'
_entity_poly.pdbx_seq_one_letter_code
;MGMKFLQLPPRFMFFTGKGGVGKTSIACATSIQLANAGKRVLLVSTDPASNVGQVFGVDIGNRVTPIPAVPHLSALEIDP
EAAASAYRERLVGPVRGVLPDDVVKGIEESLSGACTTEIAAFDEFTALLTNAVLTADYQHIIFDTAPTGHTIRLLQLPGA
WSGFLEAGKGDASCLGPLAGLEKQRTQYKAAVEALADPLQTRLVLVARAQQATLREVARTHEELATIGIKQQHLVINGIL
PSAEAANDPLAAAIHEREQTALKNIPATLTSLPRDLVQLKPFNLVGLDALRQLLTDLPLQAHVAADAPIELDEPGMGDLV
DGIEADGHGLVMLMGKGGVGKTTLAAAIAVELAHRGLPVHLTTSDPAAHLTDTLEASLDNLTVSRIDPHAETERYRQHVL
ETKGAQLDAEGRALLEEDLHSPCTEEIAVFQAFSRIIREAGKKFVVMDTAPTGHTLLLLDATGAYHREVRRQMGNKGTHF
TTPMMQLRDPNQTKVLVVTLAETTPVLEAAKLQADLRRAGIEPWAWIINTSVAAASAKSPLLRQRAANELREINAVANHH
ADRYAVVPLLKEEPIGAERLRALIHPQTHHHHHH
;
_entity_poly.pdbx_strand_id   A
#
loop_
_chem_comp.id
_chem_comp.type
_chem_comp.name
_chem_comp.formula
ADP non-polymer ADENOSINE-5'-DIPHOSPHATE 'C10 H15 N5 O10 P2'
MG non-polymer 'MAGNESIUM ION' 'Mg 2'
#
# COMPACT_ATOMS: atom_id res chain seq x y z
N MET A 3 -1.09 18.25 -20.60
CA MET A 3 -0.75 16.84 -20.49
C MET A 3 -1.52 16.04 -21.53
N LYS A 4 -1.18 14.76 -21.67
CA LYS A 4 -1.79 13.90 -22.68
C LYS A 4 -3.04 13.20 -22.18
N PHE A 5 -3.36 13.31 -20.88
CA PHE A 5 -4.49 12.57 -20.25
C PHE A 5 -5.65 13.50 -19.88
N LEU A 6 -5.63 14.76 -20.29
CA LEU A 6 -6.72 15.74 -20.01
C LEU A 6 -7.35 16.16 -21.34
N GLN A 7 -7.07 15.45 -22.43
CA GLN A 7 -7.59 15.79 -23.79
C GLN A 7 -8.98 15.19 -23.97
N LEU A 8 -9.95 15.97 -24.43
CA LEU A 8 -11.36 15.51 -24.64
C LEU A 8 -11.63 14.32 -23.71
N PRO A 9 -11.54 14.49 -22.38
CA PRO A 9 -11.74 13.39 -21.43
C PRO A 9 -13.19 12.98 -21.35
N PRO A 10 -13.48 11.72 -21.08
CA PRO A 10 -14.86 11.26 -20.96
C PRO A 10 -15.47 11.75 -19.65
N ARG A 11 -16.70 11.32 -19.38
CA ARG A 11 -17.39 11.75 -18.17
C ARG A 11 -16.58 11.41 -16.93
N PHE A 12 -16.38 10.13 -16.67
CA PHE A 12 -15.67 9.69 -15.49
C PHE A 12 -14.17 9.65 -15.74
N MET A 13 -13.40 9.72 -14.65
CA MET A 13 -11.94 9.71 -14.74
C MET A 13 -11.41 9.28 -13.38
N PHE A 14 -10.80 8.11 -13.33
CA PHE A 14 -10.30 7.54 -12.08
C PHE A 14 -8.78 7.75 -11.97
N PHE A 15 -8.23 7.34 -10.84
CA PHE A 15 -6.80 7.33 -10.63
C PHE A 15 -6.46 6.13 -9.77
N THR A 16 -5.20 5.70 -9.83
CA THR A 16 -4.79 4.56 -9.02
C THR A 16 -3.27 4.46 -9.05
N GLY A 17 -2.72 3.91 -7.97
CA GLY A 17 -1.28 3.75 -7.85
C GLY A 17 -0.91 3.53 -6.40
N LYS A 18 0.40 3.39 -6.18
CA LYS A 18 0.90 3.21 -4.82
C LYS A 18 0.47 4.38 -3.95
N GLY A 19 0.04 4.07 -2.73
CA GLY A 19 -0.36 5.10 -1.80
C GLY A 19 0.75 6.10 -1.54
N GLY A 20 0.44 7.39 -1.67
CA GLY A 20 1.42 8.43 -1.43
C GLY A 20 2.22 8.86 -2.64
N VAL A 21 1.75 8.54 -3.86
CA VAL A 21 2.46 8.96 -5.07
C VAL A 21 1.90 10.26 -5.64
N GLY A 22 0.84 10.82 -5.04
CA GLY A 22 0.32 12.10 -5.48
C GLY A 22 -1.00 11.99 -6.22
N LYS A 23 -1.79 10.97 -5.92
CA LYS A 23 -3.07 10.82 -6.59
C LYS A 23 -4.01 11.98 -6.26
N THR A 24 -4.07 12.36 -4.99
CA THR A 24 -4.97 13.45 -4.60
C THR A 24 -4.55 14.78 -5.23
N SER A 25 -3.25 15.06 -5.24
CA SER A 25 -2.78 16.32 -5.81
C SER A 25 -3.13 16.41 -7.29
N ILE A 26 -2.86 15.34 -8.04
CA ILE A 26 -3.14 15.36 -9.47
C ILE A 26 -4.64 15.45 -9.70
N ALA A 27 -5.43 14.73 -8.91
CA ALA A 27 -6.88 14.79 -9.06
C ALA A 27 -7.40 16.21 -8.84
N CYS A 28 -6.93 16.86 -7.78
CA CYS A 28 -7.37 18.23 -7.52
C CYS A 28 -6.93 19.16 -8.63
N ALA A 29 -5.69 19.02 -9.11
CA ALA A 29 -5.22 19.88 -10.18
C ALA A 29 -6.06 19.71 -11.44
N THR A 30 -6.36 18.47 -11.81
CA THR A 30 -7.18 18.23 -12.99
C THR A 30 -8.58 18.80 -12.80
N SER A 31 -9.15 18.65 -11.61
CA SER A 31 -10.47 19.21 -11.36
C SER A 31 -10.45 20.73 -11.51
N ILE A 32 -9.43 21.38 -10.94
CA ILE A 32 -9.35 22.83 -11.05
C ILE A 32 -9.22 23.25 -12.50
N GLN A 33 -8.38 22.54 -13.27
CA GLN A 33 -8.18 22.92 -14.66
C GLN A 33 -9.47 22.73 -15.47
N LEU A 34 -10.18 21.63 -15.25
CA LEU A 34 -11.43 21.42 -15.98
C LEU A 34 -12.47 22.46 -15.59
N ALA A 35 -12.53 22.83 -14.31
CA ALA A 35 -13.45 23.88 -13.89
C ALA A 35 -13.11 25.20 -14.55
N ASN A 36 -11.82 25.52 -14.64
CA ASN A 36 -11.41 26.74 -15.35
C ASN A 36 -11.79 26.68 -16.82
N ALA A 37 -11.75 25.48 -17.42
CA ALA A 37 -12.10 25.36 -18.83
C ALA A 37 -13.54 25.79 -19.08
N GLY A 38 -14.46 25.37 -18.23
CA GLY A 38 -15.84 25.79 -18.35
C GLY A 38 -16.86 24.70 -18.05
N LYS A 39 -16.39 23.46 -17.92
CA LYS A 39 -17.28 22.33 -17.68
C LYS A 39 -17.38 22.04 -16.19
N ARG A 40 -18.61 21.74 -15.74
CA ARG A 40 -18.84 21.42 -14.35
C ARG A 40 -18.24 20.06 -14.01
N VAL A 41 -17.53 19.99 -12.89
CA VAL A 41 -16.87 18.76 -12.46
C VAL A 41 -17.36 18.43 -11.05
N LEU A 42 -17.07 17.19 -10.63
CA LEU A 42 -17.43 16.71 -9.29
C LEU A 42 -16.26 15.89 -8.76
N LEU A 43 -15.33 16.56 -8.07
CA LEU A 43 -14.22 15.85 -7.46
C LEU A 43 -14.73 15.02 -6.29
N VAL A 44 -14.27 13.78 -6.21
CA VAL A 44 -14.71 12.82 -5.19
C VAL A 44 -13.46 12.27 -4.51
N SER A 45 -13.07 12.88 -3.40
CA SER A 45 -11.96 12.36 -2.62
C SER A 45 -12.37 11.06 -1.94
N THR A 46 -11.38 10.30 -1.50
CA THR A 46 -11.64 9.00 -0.89
C THR A 46 -11.00 8.83 0.48
N ASP A 47 -9.82 9.40 0.71
CA ASP A 47 -9.20 9.29 2.02
C ASP A 47 -9.88 10.25 2.98
N PRO A 48 -10.46 9.78 4.09
CA PRO A 48 -11.16 10.71 4.99
C PRO A 48 -10.28 11.82 5.51
N ALA A 49 -9.01 11.53 5.79
CA ALA A 49 -8.07 12.52 6.30
C ALA A 49 -7.25 13.16 5.18
N SER A 50 -7.81 13.23 3.97
CA SER A 50 -7.08 13.79 2.84
C SER A 50 -6.81 15.29 3.00
N ASN A 51 -7.59 15.98 3.84
CA ASN A 51 -7.51 17.43 3.94
C ASN A 51 -7.81 18.10 2.60
N VAL A 52 -8.64 17.44 1.78
CA VAL A 52 -9.03 18.02 0.50
C VAL A 52 -9.75 19.34 0.73
N GLY A 53 -10.66 19.38 1.69
CA GLY A 53 -11.36 20.61 1.98
C GLY A 53 -10.43 21.74 2.40
N GLN A 54 -9.30 21.40 3.03
CA GLN A 54 -8.36 22.43 3.43
C GLN A 54 -7.80 23.16 2.21
N VAL A 55 -7.35 22.42 1.21
CA VAL A 55 -6.74 23.04 0.04
C VAL A 55 -7.73 23.94 -0.67
N PHE A 56 -8.96 23.45 -0.86
CA PHE A 56 -9.98 24.24 -1.53
C PHE A 56 -10.41 25.43 -0.68
N GLY A 57 -10.29 25.32 0.64
CA GLY A 57 -10.69 26.37 1.53
C GLY A 57 -12.08 26.23 2.11
N VAL A 58 -12.75 25.10 1.91
CA VAL A 58 -14.10 24.87 2.41
C VAL A 58 -14.18 23.47 3.02
N ASP A 59 -15.14 23.29 3.91
CA ASP A 59 -15.36 21.99 4.53
C ASP A 59 -16.16 21.10 3.60
N ILE A 60 -15.67 19.88 3.39
CA ILE A 60 -16.25 18.93 2.45
C ILE A 60 -16.68 17.69 3.22
N GLY A 61 -17.89 17.21 2.94
CA GLY A 61 -18.41 16.05 3.62
C GLY A 61 -19.22 15.14 2.72
N ASN A 62 -20.04 14.26 3.31
CA ASN A 62 -20.83 13.33 2.53
C ASN A 62 -21.83 14.04 1.63
N ARG A 63 -22.14 15.30 1.90
CA ARG A 63 -23.10 16.06 1.12
C ARG A 63 -22.35 16.92 0.10
N VAL A 64 -22.82 16.90 -1.14
CA VAL A 64 -22.16 17.67 -2.20
C VAL A 64 -22.15 19.14 -1.82
N THR A 65 -20.99 19.77 -1.96
CA THR A 65 -20.84 21.17 -1.58
C THR A 65 -20.04 21.93 -2.65
N PRO A 66 -20.61 22.98 -3.25
CA PRO A 66 -19.83 23.77 -4.21
C PRO A 66 -18.68 24.50 -3.53
N ILE A 67 -17.65 24.79 -4.32
CA ILE A 67 -16.49 25.55 -3.88
C ILE A 67 -16.61 26.97 -4.43
N PRO A 68 -16.86 27.98 -3.60
CA PRO A 68 -17.03 29.33 -4.15
C PRO A 68 -15.82 29.84 -4.90
N ALA A 69 -14.61 29.43 -4.52
CA ALA A 69 -13.41 29.99 -5.12
C ALA A 69 -13.34 29.68 -6.61
N VAL A 70 -13.66 28.45 -7.00
CA VAL A 70 -13.54 27.99 -8.38
C VAL A 70 -14.95 27.78 -8.93
N PRO A 71 -15.43 28.62 -9.85
CA PRO A 71 -16.78 28.43 -10.38
C PRO A 71 -16.93 27.09 -11.08
N HIS A 72 -18.16 26.57 -11.04
CA HIS A 72 -18.48 25.30 -11.69
C HIS A 72 -17.60 24.17 -11.19
N LEU A 73 -17.37 24.13 -9.88
CA LEU A 73 -16.63 23.05 -9.24
C LEU A 73 -17.40 22.58 -8.02
N SER A 74 -17.63 21.27 -7.94
CA SER A 74 -18.31 20.67 -6.82
C SER A 74 -17.42 19.60 -6.20
N ALA A 75 -17.45 19.52 -4.87
CA ALA A 75 -16.63 18.58 -4.13
C ALA A 75 -17.52 17.60 -3.37
N LEU A 76 -16.99 16.39 -3.17
CA LEU A 76 -17.70 15.36 -2.45
C LEU A 76 -16.68 14.46 -1.77
N GLU A 77 -17.13 13.74 -0.74
CA GLU A 77 -16.24 12.89 0.04
C GLU A 77 -16.90 11.54 0.27
N ILE A 78 -16.09 10.48 0.20
CA ILE A 78 -16.52 9.13 0.53
C ILE A 78 -15.60 8.63 1.64
N ASP A 79 -16.20 8.19 2.74
CA ASP A 79 -15.46 7.73 3.91
C ASP A 79 -15.53 6.20 3.96
N PRO A 80 -14.59 5.50 3.33
CA PRO A 80 -14.68 4.02 3.32
C PRO A 80 -14.68 3.41 4.71
N GLU A 81 -13.95 4.00 5.67
CA GLU A 81 -13.95 3.46 7.02
C GLU A 81 -15.34 3.57 7.65
N ALA A 82 -16.03 4.68 7.42
CA ALA A 82 -17.39 4.83 7.94
C ALA A 82 -18.32 3.78 7.34
N ALA A 83 -18.19 3.53 6.03
CA ALA A 83 -19.03 2.51 5.39
C ALA A 83 -18.71 1.13 5.94
N ALA A 84 -17.43 0.83 6.18
CA ALA A 84 -17.08 -0.47 6.74
C ALA A 84 -17.63 -0.63 8.15
N SER A 85 -17.54 0.42 8.96
CA SER A 85 -18.11 0.34 10.31
C SER A 85 -19.62 0.17 10.25
N ALA A 86 -20.29 0.84 9.32
CA ALA A 86 -21.72 0.66 9.15
C ALA A 86 -22.05 -0.77 8.74
N TYR A 87 -21.27 -1.34 7.82
CA TYR A 87 -21.48 -2.73 7.44
C TYR A 87 -21.36 -3.64 8.65
N ARG A 88 -20.29 -3.47 9.44
CA ARG A 88 -20.12 -4.33 10.61
C ARG A 88 -21.27 -4.15 11.59
N GLU A 89 -21.70 -2.91 11.81
CA GLU A 89 -22.75 -2.66 12.80
C GLU A 89 -24.07 -3.27 12.36
N ARG A 90 -24.42 -3.16 11.07
CA ARG A 90 -25.71 -3.65 10.60
C ARG A 90 -25.66 -5.11 10.18
N LEU A 91 -24.49 -5.76 10.21
CA LEU A 91 -24.41 -7.20 10.01
C LEU A 91 -24.07 -7.95 11.29
N VAL A 92 -23.73 -7.25 12.38
CA VAL A 92 -23.37 -7.90 13.63
C VAL A 92 -24.41 -7.65 14.71
N GLY A 93 -25.04 -6.49 14.75
CA GLY A 93 -25.98 -6.16 15.79
C GLY A 93 -27.13 -7.15 15.88
N PRO A 94 -27.73 -7.50 14.74
CA PRO A 94 -28.82 -8.48 14.76
C PRO A 94 -28.43 -9.82 15.36
N VAL A 95 -27.17 -10.24 15.21
CA VAL A 95 -26.73 -11.52 15.75
C VAL A 95 -26.08 -11.40 17.11
N ARG A 96 -25.72 -10.20 17.54
CA ARG A 96 -25.09 -10.02 18.84
C ARG A 96 -26.06 -10.35 19.96
N GLY A 97 -25.56 -11.03 20.99
CA GLY A 97 -26.37 -11.39 22.13
C GLY A 97 -27.22 -12.64 21.93
N VAL A 98 -27.17 -13.27 20.76
CA VAL A 98 -27.93 -14.48 20.51
C VAL A 98 -27.07 -15.61 19.94
N LEU A 99 -25.90 -15.32 19.39
CA LEU A 99 -25.01 -16.32 18.82
C LEU A 99 -23.77 -16.49 19.69
N PRO A 100 -23.10 -17.64 19.60
CA PRO A 100 -21.92 -17.87 20.45
C PRO A 100 -20.82 -16.86 20.14
N ASP A 101 -20.00 -16.59 21.15
CA ASP A 101 -18.95 -15.60 21.02
C ASP A 101 -18.01 -15.91 19.86
N ASP A 102 -17.79 -17.19 19.57
CA ASP A 102 -16.90 -17.55 18.46
C ASP A 102 -17.46 -17.05 17.13
N VAL A 103 -18.77 -17.22 16.91
CA VAL A 103 -19.37 -16.75 15.68
C VAL A 103 -19.26 -15.24 15.56
N VAL A 104 -19.51 -14.53 16.67
CA VAL A 104 -19.43 -13.07 16.65
C VAL A 104 -18.00 -12.64 16.33
N LYS A 105 -17.02 -13.29 16.95
CA LYS A 105 -15.61 -12.96 16.69
C LYS A 105 -15.27 -13.20 15.23
N GLY A 106 -15.72 -14.34 14.67
CA GLY A 106 -15.42 -14.61 13.28
C GLY A 106 -16.06 -13.60 12.34
N ILE A 107 -17.31 -13.24 12.60
CA ILE A 107 -17.99 -12.25 11.76
C ILE A 107 -17.28 -10.91 11.86
N GLU A 108 -16.90 -10.50 13.07
CA GLU A 108 -16.20 -9.23 13.24
C GLU A 108 -14.88 -9.24 12.48
N GLU A 109 -14.12 -10.33 12.56
CA GLU A 109 -12.83 -10.37 11.89
C GLU A 109 -13.00 -10.37 10.38
N SER A 110 -13.94 -11.16 9.87
CA SER A 110 -14.09 -11.26 8.41
C SER A 110 -14.46 -9.92 7.80
N LEU A 111 -15.36 -9.18 8.44
CA LEU A 111 -15.83 -7.89 7.94
C LEU A 111 -14.91 -6.74 8.37
N SER A 112 -13.65 -7.03 8.68
CA SER A 112 -12.70 -6.00 9.08
C SER A 112 -11.40 -6.21 8.32
N GLY A 113 -10.67 -5.13 8.12
CA GLY A 113 -9.40 -5.16 7.43
C GLY A 113 -9.46 -4.41 6.11
N ALA A 114 -8.34 -4.48 5.39
CA ALA A 114 -8.20 -3.72 4.15
C ALA A 114 -9.24 -4.14 3.11
N CYS A 115 -9.50 -5.45 3.01
CA CYS A 115 -10.44 -5.92 2.01
C CYS A 115 -11.83 -5.31 2.22
N THR A 116 -12.27 -5.23 3.46
CA THR A 116 -13.57 -4.63 3.74
C THR A 116 -13.61 -3.18 3.31
N THR A 117 -12.54 -2.43 3.59
CA THR A 117 -12.50 -1.03 3.16
C THR A 117 -12.54 -0.91 1.65
N GLU A 118 -11.82 -1.79 0.95
CA GLU A 118 -11.84 -1.74 -0.52
C GLU A 118 -13.23 -2.04 -1.06
N ILE A 119 -13.90 -3.06 -0.50
CA ILE A 119 -15.25 -3.39 -0.94
C ILE A 119 -16.19 -2.22 -0.68
N ALA A 120 -16.07 -1.60 0.50
CA ALA A 120 -16.93 -0.45 0.80
C ALA A 120 -16.67 0.70 -0.15
N ALA A 121 -15.39 0.95 -0.47
CA ALA A 121 -15.06 2.01 -1.40
C ALA A 121 -15.67 1.74 -2.77
N PHE A 122 -15.61 0.50 -3.24
CA PHE A 122 -16.24 0.20 -4.53
C PHE A 122 -17.75 0.33 -4.43
N ASP A 123 -18.34 -0.03 -3.29
CA ASP A 123 -19.78 0.14 -3.13
C ASP A 123 -20.17 1.60 -3.25
N GLU A 124 -19.42 2.49 -2.61
CA GLU A 124 -19.71 3.92 -2.72
C GLU A 124 -19.48 4.42 -4.14
N PHE A 125 -18.44 3.92 -4.81
CA PHE A 125 -18.22 4.30 -6.19
C PHE A 125 -19.39 3.90 -7.07
N THR A 126 -19.90 2.68 -6.89
CA THR A 126 -21.05 2.24 -7.67
C THR A 126 -22.29 3.06 -7.34
N ALA A 127 -22.45 3.43 -6.06
CA ALA A 127 -23.58 4.29 -5.68
C ALA A 127 -23.50 5.62 -6.40
N LEU A 128 -22.30 6.21 -6.48
CA LEU A 128 -22.14 7.46 -7.21
C LEU A 128 -22.40 7.26 -8.70
N LEU A 129 -21.92 6.16 -9.26
CA LEU A 129 -22.19 5.83 -10.65
C LEU A 129 -23.63 5.39 -10.82
N THR A 130 -24.14 5.52 -12.06
CA THR A 130 -25.49 5.13 -12.40
C THR A 130 -26.49 5.68 -11.38
N ASN A 131 -26.29 6.94 -11.02
CA ASN A 131 -27.11 7.62 -10.02
C ASN A 131 -28.17 8.41 -10.79
N ALA A 132 -29.22 8.81 -10.06
CA ALA A 132 -30.37 9.47 -10.66
C ALA A 132 -29.93 10.74 -11.37
N VAL A 133 -29.32 11.67 -10.63
CA VAL A 133 -28.94 12.97 -11.18
C VAL A 133 -27.48 13.32 -10.92
N LEU A 134 -26.78 12.52 -10.09
CA LEU A 134 -25.39 12.86 -9.79
C LEU A 134 -24.53 12.83 -11.05
N THR A 135 -24.73 11.84 -11.92
CA THR A 135 -23.98 11.71 -13.16
C THR A 135 -24.67 12.40 -14.34
N ALA A 136 -25.82 13.03 -14.12
CA ALA A 136 -26.53 13.74 -15.17
C ALA A 136 -26.39 15.25 -15.08
N ASP A 137 -26.14 15.80 -13.90
CA ASP A 137 -25.99 17.24 -13.72
C ASP A 137 -24.54 17.69 -13.87
N TYR A 138 -23.59 16.89 -13.40
CA TYR A 138 -22.17 17.18 -13.53
C TYR A 138 -21.61 16.38 -14.70
N GLN A 139 -21.03 17.07 -15.67
CA GLN A 139 -20.51 16.41 -16.87
C GLN A 139 -19.30 15.55 -16.57
N HIS A 140 -18.44 15.97 -15.64
CA HIS A 140 -17.19 15.27 -15.35
C HIS A 140 -17.16 14.89 -13.88
N ILE A 141 -16.66 13.69 -13.59
CA ILE A 141 -16.39 13.24 -12.25
C ILE A 141 -14.95 12.74 -12.19
N ILE A 142 -14.20 13.20 -11.20
CA ILE A 142 -12.78 12.91 -11.09
C ILE A 142 -12.56 12.27 -9.73
N PHE A 143 -12.58 10.94 -9.67
CA PHE A 143 -12.32 10.25 -8.43
C PHE A 143 -10.83 10.33 -8.09
N ASP A 144 -10.49 9.93 -6.86
CA ASP A 144 -9.12 9.97 -6.38
C ASP A 144 -8.47 8.63 -6.12
N THR A 145 -9.21 7.53 -6.18
CA THR A 145 -8.65 6.20 -6.04
C THR A 145 -9.59 5.21 -6.72
N ALA A 146 -9.02 4.28 -7.46
CA ALA A 146 -9.83 3.38 -8.27
C ALA A 146 -9.85 1.99 -7.65
N PRO A 147 -10.90 1.21 -7.91
CA PRO A 147 -10.92 -0.16 -7.40
C PRO A 147 -9.78 -0.99 -7.96
N THR A 148 -9.24 -1.87 -7.12
CA THR A 148 -8.22 -2.80 -7.60
C THR A 148 -8.84 -3.85 -8.50
N GLY A 149 -7.99 -4.50 -9.30
CA GLY A 149 -8.49 -5.50 -10.22
C GLY A 149 -9.22 -6.63 -9.52
N HIS A 150 -8.74 -7.01 -8.34
CA HIS A 150 -9.37 -8.11 -7.59
C HIS A 150 -10.82 -7.77 -7.25
N THR A 151 -11.07 -6.56 -6.77
CA THR A 151 -12.42 -6.16 -6.41
C THR A 151 -13.34 -6.19 -7.62
N ILE A 152 -12.87 -5.63 -8.74
CA ILE A 152 -13.70 -5.60 -9.95
C ILE A 152 -14.02 -7.01 -10.41
N ARG A 153 -13.02 -7.90 -10.39
CA ARG A 153 -13.27 -9.28 -10.78
C ARG A 153 -14.30 -9.93 -9.86
N LEU A 154 -14.17 -9.73 -8.54
CA LEU A 154 -15.09 -10.35 -7.61
C LEU A 154 -16.52 -9.87 -7.84
N LEU A 155 -16.70 -8.55 -7.97
CA LEU A 155 -18.05 -7.99 -7.97
C LEU A 155 -18.85 -8.46 -9.18
N GLN A 156 -18.23 -8.51 -10.35
CA GLN A 156 -18.97 -8.91 -11.55
C GLN A 156 -19.26 -10.42 -11.57
N LEU A 157 -18.54 -11.21 -10.78
CA LEU A 157 -18.78 -12.64 -10.75
C LEU A 157 -20.14 -12.94 -10.13
N PRO A 158 -20.88 -13.92 -10.66
CA PRO A 158 -22.17 -14.28 -10.05
C PRO A 158 -22.01 -15.28 -8.92
N GLY A 159 -23.12 -15.64 -8.28
CA GLY A 159 -23.08 -16.60 -7.18
C GLY A 159 -23.66 -16.05 -5.90
N ALA A 160 -24.35 -16.89 -5.13
CA ALA A 160 -24.98 -16.44 -3.90
C ALA A 160 -23.96 -15.86 -2.94
N TRP A 161 -24.31 -14.74 -2.32
CA TRP A 161 -23.44 -14.05 -1.37
C TRP A 161 -24.05 -13.97 0.02
N SER A 162 -25.08 -14.77 0.30
CA SER A 162 -25.76 -14.76 1.59
C SER A 162 -25.25 -15.85 2.53
N GLY A 163 -23.98 -16.22 2.42
CA GLY A 163 -23.42 -17.27 3.26
C GLY A 163 -22.06 -16.92 3.82
N PHE A 164 -21.81 -15.64 4.05
CA PHE A 164 -20.54 -15.20 4.64
C PHE A 164 -20.79 -14.21 5.77
N ASP A 171 -11.23 -21.40 4.30
CA ASP A 171 -11.68 -20.80 5.54
C ASP A 171 -11.14 -19.39 5.68
N ALA A 172 -9.97 -19.14 5.11
CA ALA A 172 -9.32 -17.84 5.17
C ALA A 172 -9.79 -16.90 4.08
N SER A 173 -10.72 -17.34 3.23
CA SER A 173 -11.20 -16.50 2.14
C SER A 173 -11.70 -15.16 2.66
N CYS A 174 -11.80 -14.19 1.75
CA CYS A 174 -12.22 -12.84 2.08
C CYS A 174 -13.54 -12.49 1.39
N LEU A 175 -14.47 -13.44 1.31
CA LEU A 175 -15.78 -13.23 0.62
C LEU A 175 -16.79 -12.65 1.63
N GLY A 176 -16.36 -12.35 2.85
CA GLY A 176 -17.24 -11.79 3.88
C GLY A 176 -17.81 -10.44 3.50
N PRO A 177 -17.01 -9.45 3.04
CA PRO A 177 -17.53 -8.11 2.77
C PRO A 177 -18.59 -8.11 1.66
N LEU A 178 -18.57 -9.11 0.77
CA LEU A 178 -19.53 -9.22 -0.35
C LEU A 178 -20.93 -9.51 0.23
N ALA A 179 -21.01 -10.05 1.44
CA ALA A 179 -22.29 -10.43 2.08
C ALA A 179 -23.05 -9.16 2.48
N GLY A 180 -22.34 -8.05 2.74
CA GLY A 180 -22.96 -6.80 3.13
C GLY A 180 -23.38 -5.91 1.97
N LEU A 181 -23.29 -6.39 0.74
CA LEU A 181 -23.62 -5.58 -0.43
C LEU A 181 -25.13 -5.62 -0.61
N GLU A 182 -25.81 -4.58 -0.14
CA GLU A 182 -27.27 -4.59 -0.12
C GLU A 182 -27.86 -4.39 -1.50
N LYS A 183 -27.28 -3.50 -2.30
CA LYS A 183 -27.88 -3.12 -3.57
C LYS A 183 -28.08 -4.34 -4.47
N GLN A 184 -28.93 -4.16 -5.49
CA GLN A 184 -29.24 -5.23 -6.41
C GLN A 184 -28.03 -5.55 -7.28
N ARG A 185 -28.02 -6.78 -7.81
CA ARG A 185 -26.93 -7.20 -8.69
C ARG A 185 -26.86 -6.33 -9.94
N THR A 186 -28.01 -6.02 -10.53
CA THR A 186 -28.03 -5.21 -11.74
C THR A 186 -27.31 -3.88 -11.53
N GLN A 187 -27.41 -3.31 -10.32
CA GLN A 187 -26.72 -2.05 -10.05
C GLN A 187 -25.22 -2.19 -10.27
N TYR A 188 -24.61 -3.21 -9.66
CA TYR A 188 -23.17 -3.38 -9.79
C TYR A 188 -22.78 -3.84 -11.19
N LYS A 189 -23.64 -4.62 -11.85
CA LYS A 189 -23.36 -4.99 -13.23
C LYS A 189 -23.27 -3.75 -14.11
N ALA A 190 -24.25 -2.85 -13.99
CA ALA A 190 -24.23 -1.61 -14.76
C ALA A 190 -23.04 -0.76 -14.37
N ALA A 191 -22.70 -0.71 -13.09
CA ALA A 191 -21.56 0.09 -12.65
C ALA A 191 -20.27 -0.42 -13.28
N VAL A 192 -20.07 -1.75 -13.28
CA VAL A 192 -18.85 -2.31 -13.86
C VAL A 192 -18.83 -2.11 -15.36
N GLU A 193 -19.97 -2.26 -16.03
CA GLU A 193 -20.01 -2.02 -17.47
C GLU A 193 -19.66 -0.57 -17.79
N ALA A 194 -20.19 0.37 -17.01
CA ALA A 194 -19.84 1.77 -17.21
C ALA A 194 -18.36 2.02 -16.96
N LEU A 195 -17.81 1.39 -15.92
CA LEU A 195 -16.39 1.57 -15.61
C LEU A 195 -15.51 1.04 -16.73
N ALA A 196 -15.86 -0.12 -17.30
CA ALA A 196 -15.01 -0.76 -18.29
C ALA A 196 -15.18 -0.18 -19.69
N ASP A 197 -16.22 0.58 -19.93
CA ASP A 197 -16.44 1.14 -21.26
C ASP A 197 -15.46 2.28 -21.51
N PRO A 198 -14.62 2.22 -22.54
CA PRO A 198 -13.68 3.33 -22.77
C PRO A 198 -14.36 4.65 -23.07
N LEU A 199 -15.61 4.62 -23.54
CA LEU A 199 -16.32 5.87 -23.85
C LEU A 199 -16.55 6.70 -22.59
N GLN A 200 -16.76 6.05 -21.45
CA GLN A 200 -17.12 6.74 -20.21
C GLN A 200 -15.94 6.88 -19.25
N THR A 201 -15.06 5.89 -19.19
CA THR A 201 -13.98 5.85 -18.22
C THR A 201 -12.64 6.01 -18.92
N ARG A 202 -11.72 6.74 -18.28
CA ARG A 202 -10.34 6.86 -18.72
C ARG A 202 -9.48 6.68 -17.46
N LEU A 203 -9.15 5.43 -17.15
CA LEU A 203 -8.37 5.15 -15.95
C LEU A 203 -6.94 5.63 -16.15
N VAL A 204 -6.39 6.29 -15.13
CA VAL A 204 -5.06 6.88 -15.18
C VAL A 204 -4.22 6.28 -14.08
N LEU A 205 -3.02 5.82 -14.43
CA LEU A 205 -2.07 5.27 -13.48
C LEU A 205 -1.07 6.36 -13.10
N VAL A 206 -0.87 6.56 -11.80
CA VAL A 206 0.13 7.50 -11.30
C VAL A 206 1.15 6.69 -10.51
N ALA A 207 2.41 6.78 -10.91
CA ALA A 207 3.47 6.01 -10.29
C ALA A 207 4.75 6.82 -10.23
N ARG A 208 5.42 6.81 -9.08
CA ARG A 208 6.72 7.43 -8.97
C ARG A 208 7.71 6.83 -9.97
N ALA A 209 8.74 7.61 -10.30
CA ALA A 209 9.78 7.16 -11.22
C ALA A 209 10.85 6.34 -10.50
N GLN A 210 10.42 5.20 -9.97
CA GLN A 210 11.30 4.24 -9.31
C GLN A 210 11.01 2.85 -9.86
N GLN A 211 11.99 1.95 -9.69
CA GLN A 211 11.84 0.62 -10.26
C GLN A 211 10.70 -0.15 -9.59
N ALA A 212 10.70 -0.19 -8.25
CA ALA A 212 9.70 -1.00 -7.55
C ALA A 212 8.29 -0.47 -7.82
N THR A 213 8.11 0.84 -7.75
CA THR A 213 6.79 1.42 -8.00
C THR A 213 6.37 1.17 -9.44
N LEU A 214 7.30 1.30 -10.38
CA LEU A 214 6.97 1.07 -11.79
C LEU A 214 6.54 -0.37 -12.01
N ARG A 215 7.23 -1.34 -11.41
CA ARG A 215 6.82 -2.73 -11.56
C ARG A 215 5.48 -2.98 -10.92
N GLU A 216 5.22 -2.38 -9.75
CA GLU A 216 3.93 -2.55 -9.11
C GLU A 216 2.80 -2.01 -9.98
N VAL A 217 2.98 -0.81 -10.53
CA VAL A 217 1.94 -0.23 -11.38
C VAL A 217 1.81 -1.02 -12.67
N ALA A 218 2.90 -1.61 -13.16
CA ALA A 218 2.79 -2.48 -14.33
C ALA A 218 1.93 -3.69 -14.02
N ARG A 219 2.12 -4.28 -12.84
CA ARG A 219 1.27 -5.41 -12.46
C ARG A 219 -0.19 -4.99 -12.37
N THR A 220 -0.46 -3.83 -11.77
CA THR A 220 -1.85 -3.37 -11.67
C THR A 220 -2.43 -3.12 -13.06
N HIS A 221 -1.64 -2.56 -13.97
CA HIS A 221 -2.11 -2.35 -15.34
C HIS A 221 -2.41 -3.67 -16.02
N GLU A 222 -1.56 -4.67 -15.82
CA GLU A 222 -1.83 -5.99 -16.40
C GLU A 222 -3.15 -6.54 -15.88
N GLU A 223 -3.38 -6.43 -14.58
CA GLU A 223 -4.65 -6.87 -14.02
C GLU A 223 -5.82 -6.13 -14.67
N LEU A 224 -5.74 -4.80 -14.72
CA LEU A 224 -6.85 -4.01 -15.24
C LEU A 224 -7.12 -4.33 -16.70
N ALA A 225 -6.06 -4.52 -17.49
CA ALA A 225 -6.25 -4.92 -18.89
C ALA A 225 -6.91 -6.28 -18.97
N THR A 226 -6.54 -7.20 -18.08
CA THR A 226 -7.21 -8.50 -18.04
C THR A 226 -8.70 -8.32 -17.75
N ILE A 227 -9.05 -7.34 -16.93
CA ILE A 227 -10.45 -7.14 -16.58
C ILE A 227 -11.25 -6.78 -17.83
N GLY A 228 -10.71 -5.90 -18.68
CA GLY A 228 -11.39 -5.50 -19.89
C GLY A 228 -11.18 -4.05 -20.29
N ILE A 229 -10.62 -3.24 -19.39
CA ILE A 229 -10.35 -1.85 -19.72
C ILE A 229 -9.34 -1.80 -20.84
N LYS A 230 -9.62 -1.01 -21.88
CA LYS A 230 -8.79 -0.99 -23.07
C LYS A 230 -7.80 0.17 -23.07
N GLN A 231 -8.27 1.41 -22.97
CA GLN A 231 -7.42 2.58 -23.05
C GLN A 231 -7.10 3.09 -21.65
N GLN A 232 -5.82 3.34 -21.40
CA GLN A 232 -5.35 3.86 -20.13
C GLN A 232 -4.34 4.95 -20.40
N HIS A 233 -3.80 5.53 -19.32
CA HIS A 233 -2.78 6.55 -19.42
C HIS A 233 -1.79 6.37 -18.27
N LEU A 234 -0.60 6.94 -18.44
CA LEU A 234 0.42 6.92 -17.41
C LEU A 234 0.88 8.34 -17.13
N VAL A 235 1.04 8.67 -15.85
CA VAL A 235 1.48 9.98 -15.42
C VAL A 235 2.60 9.75 -14.41
N ILE A 236 3.84 9.78 -14.86
CA ILE A 236 4.99 9.62 -13.98
C ILE A 236 5.16 10.90 -13.19
N ASN A 237 4.80 10.87 -11.91
CA ASN A 237 4.82 12.03 -11.03
C ASN A 237 5.95 11.88 -10.02
N GLY A 238 6.85 12.84 -9.99
CA GLY A 238 7.95 12.84 -9.04
C GLY A 238 9.32 12.93 -9.69
N ILE A 239 9.37 13.39 -10.93
CA ILE A 239 10.66 13.54 -11.60
C ILE A 239 11.38 14.74 -11.04
N LEU A 240 12.62 14.53 -10.60
CA LEU A 240 13.42 15.59 -10.02
C LEU A 240 14.14 16.37 -11.11
N PRO A 241 13.99 17.70 -11.20
CA PRO A 241 14.62 18.43 -12.29
C PRO A 241 16.13 18.23 -12.30
N SER A 242 16.68 18.11 -13.51
CA SER A 242 18.11 17.87 -13.66
C SER A 242 18.92 19.04 -13.09
N ALA A 243 18.53 20.27 -13.42
CA ALA A 243 19.29 21.43 -12.97
C ALA A 243 19.33 21.53 -11.45
N GLU A 244 18.43 20.84 -10.76
CA GLU A 244 18.43 20.84 -9.30
C GLU A 244 19.66 20.14 -8.73
N ALA A 245 20.36 19.34 -9.52
CA ALA A 245 21.53 18.57 -9.06
C ALA A 245 22.84 19.25 -9.45
N ALA A 246 22.86 20.57 -9.49
CA ALA A 246 24.03 21.28 -10.00
C ALA A 246 25.23 20.98 -9.10
N ASN A 247 25.07 21.16 -7.79
CA ASN A 247 26.19 21.01 -6.87
C ASN A 247 25.95 20.09 -5.67
N ASP A 248 24.94 19.22 -5.75
CA ASP A 248 24.68 18.24 -4.70
C ASP A 248 24.86 16.82 -5.21
N PRO A 249 25.86 16.07 -4.73
CA PRO A 249 26.02 14.69 -5.22
C PRO A 249 24.80 13.83 -4.97
N LEU A 250 24.10 14.04 -3.85
CA LEU A 250 22.88 13.27 -3.59
C LEU A 250 21.83 13.55 -4.65
N ALA A 251 21.66 14.82 -5.03
CA ALA A 251 20.73 15.16 -6.09
C ALA A 251 21.13 14.52 -7.41
N ALA A 252 22.44 14.49 -7.71
CA ALA A 252 22.90 13.86 -8.93
C ALA A 252 22.58 12.37 -8.93
N ALA A 253 22.80 11.70 -7.79
CA ALA A 253 22.47 10.28 -7.71
C ALA A 253 20.97 10.04 -7.87
N ILE A 254 20.15 10.88 -7.24
CA ILE A 254 18.70 10.74 -7.37
C ILE A 254 18.29 10.90 -8.83
N HIS A 255 18.82 11.93 -9.49
CA HIS A 255 18.47 12.17 -10.89
C HIS A 255 18.93 11.02 -11.77
N GLU A 256 20.12 10.48 -11.50
CA GLU A 256 20.63 9.36 -12.29
C GLU A 256 19.72 8.14 -12.14
N ARG A 257 19.33 7.83 -10.91
CA ARG A 257 18.43 6.69 -10.70
C ARG A 257 17.09 6.92 -11.38
N GLU A 258 16.54 8.13 -11.27
CA GLU A 258 15.25 8.40 -11.89
C GLU A 258 15.33 8.27 -13.40
N GLN A 259 16.39 8.81 -14.01
CA GLN A 259 16.55 8.71 -15.45
C GLN A 259 16.74 7.26 -15.88
N THR A 260 17.50 6.48 -15.10
CA THR A 260 17.65 5.06 -15.42
C THR A 260 16.32 4.34 -15.37
N ALA A 261 15.49 4.66 -14.37
CA ALA A 261 14.17 4.05 -14.28
C ALA A 261 13.32 4.42 -15.49
N LEU A 262 13.36 5.69 -15.90
CA LEU A 262 12.60 6.10 -17.08
C LEU A 262 13.09 5.39 -18.34
N LYS A 263 14.40 5.22 -18.49
CA LYS A 263 14.93 4.59 -19.68
C LYS A 263 14.46 3.14 -19.81
N ASN A 264 14.45 2.39 -18.71
CA ASN A 264 14.05 0.99 -18.69
C ASN A 264 12.73 0.88 -17.95
N ILE A 265 11.63 1.05 -18.68
CA ILE A 265 10.29 0.91 -18.12
C ILE A 265 9.81 -0.50 -18.46
N PRO A 266 8.94 -1.12 -17.67
CA PRO A 266 8.42 -2.43 -18.02
C PRO A 266 7.80 -2.40 -19.42
N ALA A 267 7.97 -3.52 -20.15
CA ALA A 267 7.53 -3.57 -21.53
C ALA A 267 6.03 -3.34 -21.65
N THR A 268 5.24 -3.89 -20.72
CA THR A 268 3.79 -3.79 -20.83
C THR A 268 3.31 -2.34 -20.84
N LEU A 269 4.00 -1.46 -20.11
CA LEU A 269 3.57 -0.08 -19.98
C LEU A 269 4.08 0.82 -21.09
N THR A 270 4.92 0.31 -21.99
CA THR A 270 5.51 1.15 -23.02
C THR A 270 4.44 1.71 -23.97
N SER A 271 3.48 0.87 -24.35
CA SER A 271 2.50 1.29 -25.36
C SER A 271 1.62 2.43 -24.87
N LEU A 272 1.43 2.53 -23.56
CA LEU A 272 0.52 3.54 -23.03
C LEU A 272 1.08 4.94 -23.27
N PRO A 273 0.20 5.93 -23.48
CA PRO A 273 0.66 7.32 -23.48
C PRO A 273 1.25 7.67 -22.12
N ARG A 274 2.30 8.48 -22.13
CA ARG A 274 3.07 8.77 -20.94
C ARG A 274 3.15 10.28 -20.73
N ASP A 275 3.27 10.66 -19.45
CA ASP A 275 3.35 12.06 -19.07
C ASP A 275 4.39 12.22 -17.97
N LEU A 276 4.87 13.44 -17.81
CA LEU A 276 5.87 13.76 -16.81
C LEU A 276 5.43 14.99 -16.02
N VAL A 277 5.61 14.92 -14.71
CA VAL A 277 5.25 16.03 -13.81
C VAL A 277 6.48 16.34 -12.98
N GLN A 278 7.03 17.54 -13.16
CA GLN A 278 8.21 17.94 -12.40
C GLN A 278 7.84 18.17 -10.94
N LEU A 279 8.78 17.87 -10.05
CA LEU A 279 8.56 18.06 -8.63
C LEU A 279 8.64 19.54 -8.29
N LYS A 280 7.53 20.25 -8.41
CA LYS A 280 7.53 21.68 -8.18
C LYS A 280 7.99 21.97 -6.76
N PRO A 281 8.96 22.87 -6.56
CA PRO A 281 9.41 23.15 -5.19
C PRO A 281 8.31 23.64 -4.27
N PHE A 282 7.39 24.44 -4.79
CA PHE A 282 6.34 25.02 -3.96
C PHE A 282 5.49 23.90 -3.35
N ASN A 283 5.35 23.93 -2.03
CA ASN A 283 4.62 22.88 -1.35
C ASN A 283 3.15 22.89 -1.76
N LEU A 284 2.60 21.72 -2.06
CA LEU A 284 1.23 21.59 -2.54
C LEU A 284 0.29 21.59 -1.34
N VAL A 285 -0.03 22.79 -0.86
CA VAL A 285 -0.94 22.96 0.26
C VAL A 285 -2.02 23.98 0.00
N GLY A 286 -1.88 24.87 -0.99
CA GLY A 286 -2.86 25.90 -1.27
C GLY A 286 -3.37 25.82 -2.71
N LEU A 287 -4.35 26.66 -2.99
CA LEU A 287 -4.95 26.68 -4.33
C LEU A 287 -3.92 27.04 -5.38
N ASP A 288 -3.11 28.06 -5.12
CA ASP A 288 -2.10 28.48 -6.09
C ASP A 288 -1.12 27.35 -6.38
N ALA A 289 -0.75 26.58 -5.36
CA ALA A 289 0.19 25.49 -5.55
C ALA A 289 -0.35 24.46 -6.53
N LEU A 290 -1.62 24.09 -6.37
CA LEU A 290 -2.22 23.08 -7.24
C LEU A 290 -2.60 23.66 -8.61
N ARG A 291 -2.72 24.98 -8.74
CA ARG A 291 -3.05 25.55 -10.02
C ARG A 291 -1.96 25.27 -11.06
N GLN A 292 -0.70 25.36 -10.64
CA GLN A 292 0.43 25.26 -11.55
C GLN A 292 1.11 23.89 -11.52
N LEU A 293 0.46 22.88 -10.91
CA LEU A 293 1.08 21.57 -10.85
C LEU A 293 1.28 20.98 -12.24
N LEU A 294 0.27 21.10 -13.10
CA LEU A 294 0.32 20.54 -14.45
C LEU A 294 0.56 21.69 -15.43
N THR A 295 1.84 22.03 -15.59
CA THR A 295 2.23 23.11 -16.50
C THR A 295 3.74 23.08 -16.74
N ILE A 309 20.67 22.59 7.98
CA ILE A 309 19.83 21.59 8.66
C ILE A 309 20.70 20.44 9.14
N GLU A 310 20.55 20.08 10.41
CA GLU A 310 21.28 18.97 11.02
C GLU A 310 20.29 18.13 11.81
N LEU A 311 19.86 17.01 11.23
CA LEU A 311 18.95 16.09 11.89
C LEU A 311 19.76 15.12 12.75
N ASP A 312 19.45 15.08 14.04
CA ASP A 312 20.13 14.21 14.99
C ASP A 312 19.07 13.35 15.68
N GLU A 313 18.80 12.19 15.10
CA GLU A 313 17.85 11.24 15.65
C GLU A 313 18.50 9.86 15.70
N PRO A 314 18.08 9.01 16.63
CA PRO A 314 18.79 7.74 16.81
C PRO A 314 18.81 6.91 15.53
N GLY A 315 19.97 6.33 15.24
CA GLY A 315 20.14 5.48 14.09
C GLY A 315 19.79 4.04 14.41
N MET A 316 20.07 3.16 13.46
CA MET A 316 19.80 1.74 13.65
C MET A 316 20.75 1.10 14.64
N GLY A 317 21.81 1.81 15.07
CA GLY A 317 22.70 1.27 16.06
C GLY A 317 21.98 0.93 17.36
N ASP A 318 21.08 1.82 17.81
CA ASP A 318 20.33 1.56 19.03
C ASP A 318 19.43 0.35 18.87
N LEU A 319 18.76 0.22 17.72
CA LEU A 319 17.91 -0.93 17.49
C LEU A 319 18.72 -2.23 17.50
N VAL A 320 19.88 -2.22 16.86
CA VAL A 320 20.72 -3.41 16.84
C VAL A 320 21.21 -3.74 18.24
N ASP A 321 21.58 -2.72 19.02
CA ASP A 321 22.02 -2.97 20.39
C ASP A 321 20.90 -3.56 21.23
N GLY A 322 19.68 -3.05 21.06
CA GLY A 322 18.55 -3.61 21.80
C GLY A 322 18.28 -5.04 21.43
N ILE A 323 18.31 -5.35 20.12
CA ILE A 323 18.09 -6.73 19.69
C ILE A 323 19.20 -7.63 20.22
N GLU A 324 20.44 -7.12 20.20
CA GLU A 324 21.63 -7.86 20.68
C GLU A 324 21.43 -8.18 22.16
N ALA A 325 20.90 -7.23 22.94
CA ALA A 325 20.67 -7.41 24.39
C ALA A 325 19.63 -8.51 24.60
N ASP A 326 18.51 -8.47 23.89
CA ASP A 326 17.45 -9.51 23.97
C ASP A 326 17.64 -10.45 22.78
N GLY A 327 18.60 -11.36 22.86
CA GLY A 327 18.92 -12.26 21.73
C GLY A 327 17.95 -13.42 21.60
N HIS A 328 18.28 -14.43 20.81
CA HIS A 328 17.39 -15.60 20.57
C HIS A 328 15.97 -15.07 20.35
N GLY A 329 15.79 -14.07 19.49
CA GLY A 329 14.45 -13.53 19.15
C GLY A 329 14.32 -13.31 17.66
N LEU A 330 13.10 -13.25 17.14
CA LEU A 330 12.84 -12.97 15.70
C LEU A 330 12.76 -11.46 15.51
N VAL A 331 13.21 -10.94 14.37
CA VAL A 331 13.15 -9.52 14.03
C VAL A 331 12.41 -9.46 12.70
N MET A 332 11.10 -9.33 12.75
CA MET A 332 10.24 -9.53 11.59
C MET A 332 9.70 -8.17 11.14
N LEU A 333 10.31 -7.61 10.11
CA LEU A 333 9.88 -6.32 9.59
C LEU A 333 8.46 -6.43 9.02
N MET A 334 7.86 -5.28 8.76
CA MET A 334 6.51 -5.23 8.21
C MET A 334 6.23 -3.81 7.73
N GLY A 335 5.63 -3.69 6.55
CA GLY A 335 5.31 -2.39 5.99
C GLY A 335 4.83 -2.50 4.57
N LYS A 336 4.19 -1.45 4.06
CA LYS A 336 3.66 -1.48 2.71
C LYS A 336 4.80 -1.61 1.71
N GLY A 337 4.49 -2.23 0.56
CA GLY A 337 5.52 -2.52 -0.40
C GLY A 337 6.24 -1.28 -0.89
N GLY A 338 7.47 -1.50 -1.35
CA GLY A 338 8.30 -0.41 -1.86
C GLY A 338 8.73 0.59 -0.80
N VAL A 339 9.09 0.12 0.39
CA VAL A 339 9.58 0.99 1.45
C VAL A 339 10.92 0.47 1.96
N GLY A 340 11.55 -0.40 1.19
CA GLY A 340 12.88 -0.87 1.53
C GLY A 340 12.93 -1.88 2.65
N LYS A 341 11.90 -2.72 2.82
CA LYS A 341 11.93 -3.73 3.86
C LYS A 341 13.08 -4.70 3.66
N THR A 342 13.27 -5.16 2.42
CA THR A 342 14.28 -6.19 2.16
C THR A 342 15.69 -5.66 2.44
N THR A 343 15.98 -4.44 2.00
CA THR A 343 17.32 -3.88 2.23
C THR A 343 17.59 -3.70 3.72
N LEU A 344 16.59 -3.21 4.47
CA LEU A 344 16.77 -3.04 5.91
C LEU A 344 16.99 -4.38 6.60
N ALA A 345 16.21 -5.39 6.20
CA ALA A 345 16.39 -6.72 6.78
C ALA A 345 17.78 -7.26 6.49
N ALA A 346 18.25 -7.10 5.25
CA ALA A 346 19.59 -7.55 4.91
C ALA A 346 20.65 -6.82 5.73
N ALA A 347 20.48 -5.51 5.88
CA ALA A 347 21.45 -4.73 6.66
C ALA A 347 21.49 -5.20 8.10
N ILE A 348 20.32 -5.40 8.71
CA ILE A 348 20.28 -5.85 10.10
C ILE A 348 20.94 -7.22 10.23
N ALA A 349 20.61 -8.14 9.32
CA ALA A 349 21.18 -9.48 9.41
C ALA A 349 22.70 -9.45 9.25
N VAL A 350 23.20 -8.66 8.29
CA VAL A 350 24.64 -8.58 8.09
C VAL A 350 25.31 -7.97 9.32
N GLU A 351 24.72 -6.91 9.88
CA GLU A 351 25.31 -6.31 11.06
C GLU A 351 25.37 -7.29 12.21
N LEU A 352 24.29 -8.04 12.44
CA LEU A 352 24.31 -9.04 13.50
C LEU A 352 25.37 -10.11 13.24
N ALA A 353 25.50 -10.55 11.99
CA ALA A 353 26.50 -11.54 11.66
C ALA A 353 27.90 -11.01 11.89
N HIS A 354 28.12 -9.71 11.69
CA HIS A 354 29.44 -9.14 11.92
C HIS A 354 29.88 -9.30 13.36
N ARG A 355 28.95 -9.28 14.30
CA ARG A 355 29.29 -9.41 15.71
C ARG A 355 29.56 -10.84 16.14
N GLY A 356 29.28 -11.82 15.27
CA GLY A 356 29.53 -13.21 15.56
C GLY A 356 28.29 -14.01 15.92
N LEU A 357 27.16 -13.34 16.17
CA LEU A 357 25.89 -14.03 16.54
C LEU A 357 25.28 -14.67 15.29
N PRO A 358 24.60 -15.84 15.41
CA PRO A 358 24.05 -16.53 14.25
C PRO A 358 22.80 -15.81 13.73
N VAL A 359 22.61 -15.74 12.41
CA VAL A 359 21.44 -15.05 11.79
C VAL A 359 20.90 -15.94 10.67
N HIS A 360 19.62 -15.80 10.31
CA HIS A 360 18.98 -16.57 9.20
C HIS A 360 18.15 -15.51 8.47
N LEU A 361 18.74 -14.81 7.50
CA LEU A 361 18.07 -13.71 6.76
C LEU A 361 17.22 -14.39 5.69
N THR A 362 15.91 -14.57 5.93
CA THR A 362 15.00 -15.19 4.97
C THR A 362 14.27 -14.10 4.18
N THR A 363 14.99 -13.53 3.20
CA THR A 363 14.38 -12.53 2.33
C THR A 363 13.42 -13.20 1.35
N SER A 364 12.56 -12.39 0.75
CA SER A 364 11.55 -12.85 -0.20
C SER A 364 11.53 -11.94 -1.43
N ASP A 365 12.71 -11.65 -1.98
CA ASP A 365 12.86 -10.77 -3.13
C ASP A 365 13.64 -11.51 -4.21
N PRO A 366 12.98 -12.39 -4.95
CA PRO A 366 13.69 -13.14 -6.00
C PRO A 366 14.24 -12.27 -7.11
N ALA A 367 13.71 -11.05 -7.27
CA ALA A 367 14.14 -10.19 -8.38
C ALA A 367 15.61 -9.84 -8.26
N ALA A 368 16.06 -9.50 -7.05
CA ALA A 368 17.43 -9.04 -6.82
C ALA A 368 18.02 -9.77 -5.63
N HIS A 369 19.35 -9.81 -5.60
CA HIS A 369 20.11 -10.45 -4.53
C HIS A 369 20.84 -9.37 -3.73
N LEU A 370 20.64 -9.38 -2.42
CA LEU A 370 21.26 -8.40 -1.53
C LEU A 370 22.48 -8.94 -0.81
N THR A 371 22.42 -10.18 -0.32
CA THR A 371 23.50 -10.78 0.44
C THR A 371 24.22 -11.87 -0.36
N ASP A 372 24.09 -11.83 -1.69
CA ASP A 372 24.72 -12.84 -2.53
C ASP A 372 26.23 -12.79 -2.37
N THR A 373 26.85 -13.97 -2.43
CA THR A 373 28.29 -14.20 -2.29
C THR A 373 28.80 -14.00 -0.87
N LEU A 374 27.95 -13.59 0.07
CA LEU A 374 28.35 -13.41 1.45
C LEU A 374 28.04 -14.61 2.33
N GLU A 375 27.21 -15.54 1.85
CA GLU A 375 26.86 -16.71 2.66
C GLU A 375 28.11 -17.51 3.01
N ALA A 376 28.95 -17.80 2.01
CA ALA A 376 30.16 -18.57 2.25
C ALA A 376 31.23 -17.75 2.95
N SER A 377 31.32 -16.46 2.66
CA SER A 377 32.35 -15.63 3.28
C SER A 377 32.14 -15.56 4.80
N LEU A 378 30.90 -15.45 5.25
CA LEU A 378 30.59 -15.40 6.67
C LEU A 378 30.29 -16.80 7.18
N ASP A 379 30.91 -17.16 8.31
CA ASP A 379 30.81 -18.53 8.80
C ASP A 379 29.39 -18.88 9.19
N ASN A 380 28.70 -17.98 9.89
CA ASN A 380 27.42 -18.29 10.51
C ASN A 380 26.20 -17.78 9.76
N LEU A 381 26.37 -16.82 8.84
CA LEU A 381 25.22 -16.26 8.15
C LEU A 381 24.62 -17.31 7.20
N THR A 382 23.29 -17.30 7.10
CA THR A 382 22.55 -18.16 6.19
C THR A 382 21.46 -17.34 5.52
N VAL A 383 20.86 -17.92 4.49
CA VAL A 383 19.81 -17.23 3.73
C VAL A 383 18.83 -18.26 3.21
N SER A 384 17.58 -17.83 3.00
CA SER A 384 16.55 -18.69 2.40
C SER A 384 15.67 -17.79 1.54
N ARG A 385 15.74 -17.98 0.23
CA ARG A 385 15.05 -17.13 -0.73
C ARG A 385 13.69 -17.76 -1.05
N ILE A 386 12.63 -17.16 -0.52
CA ILE A 386 11.26 -17.62 -0.77
C ILE A 386 10.64 -16.74 -1.84
N ASP A 387 10.15 -17.37 -2.92
CA ASP A 387 9.55 -16.65 -4.02
C ASP A 387 8.06 -16.47 -3.74
N PRO A 388 7.56 -15.25 -3.52
CA PRO A 388 6.15 -15.11 -3.16
C PRO A 388 5.21 -15.62 -4.23
N HIS A 389 5.55 -15.46 -5.52
CA HIS A 389 4.65 -15.86 -6.58
C HIS A 389 4.45 -17.38 -6.59
N ALA A 390 5.54 -18.13 -6.47
CA ALA A 390 5.44 -19.59 -6.47
C ALA A 390 4.68 -20.08 -5.24
N GLU A 391 4.94 -19.48 -4.08
CA GLU A 391 4.22 -19.88 -2.88
C GLU A 391 2.72 -19.59 -3.02
N THR A 392 2.37 -18.42 -3.55
CA THR A 392 0.96 -18.10 -3.75
C THR A 392 0.32 -19.09 -4.71
N GLU A 393 1.00 -19.43 -5.81
CA GLU A 393 0.43 -20.38 -6.76
C GLU A 393 0.24 -21.74 -6.11
N ARG A 394 1.23 -22.19 -5.34
CA ARG A 394 1.13 -23.49 -4.69
C ARG A 394 -0.03 -23.51 -3.70
N TYR A 395 -0.18 -22.45 -2.91
CA TYR A 395 -1.29 -22.40 -1.96
C TYR A 395 -2.63 -22.39 -2.67
N ARG A 396 -2.72 -21.64 -3.76
CA ARG A 396 -3.96 -21.60 -4.54
C ARG A 396 -4.31 -22.99 -5.05
N GLN A 397 -3.32 -23.68 -5.63
CA GLN A 397 -3.58 -25.03 -6.14
C GLN A 397 -3.99 -25.96 -5.01
N HIS A 398 -3.31 -25.88 -3.86
CA HIS A 398 -3.63 -26.77 -2.75
C HIS A 398 -5.05 -26.54 -2.25
N VAL A 399 -5.47 -25.28 -2.15
CA VAL A 399 -6.79 -24.98 -1.61
C VAL A 399 -7.89 -25.16 -2.65
N LEU A 400 -7.55 -25.20 -3.94
CA LEU A 400 -8.59 -25.40 -4.96
C LEU A 400 -9.26 -26.75 -4.80
N GLU A 401 -8.50 -27.79 -4.53
CA GLU A 401 -9.06 -29.14 -4.38
C GLU A 401 -9.64 -29.39 -3.00
N THR A 402 -9.52 -28.43 -2.08
CA THR A 402 -10.19 -28.50 -0.79
C THR A 402 -11.27 -27.42 -0.76
N LYS A 403 -12.51 -27.84 -0.50
CA LYS A 403 -13.70 -26.99 -0.57
C LYS A 403 -14.07 -26.62 -1.99
N GLY A 404 -13.45 -27.24 -2.99
CA GLY A 404 -13.78 -26.96 -4.38
C GLY A 404 -14.71 -27.99 -4.97
N ALA A 405 -14.47 -29.26 -4.63
CA ALA A 405 -15.34 -30.33 -5.14
C ALA A 405 -16.76 -30.17 -4.64
N GLN A 406 -16.92 -29.83 -3.36
CA GLN A 406 -18.26 -29.70 -2.80
C GLN A 406 -19.03 -28.57 -3.48
N LEU A 407 -18.36 -27.45 -3.74
CA LEU A 407 -19.02 -26.31 -4.37
C LEU A 407 -19.37 -26.62 -5.81
N ASP A 408 -20.45 -25.99 -6.29
CA ASP A 408 -20.79 -26.05 -7.70
C ASP A 408 -19.78 -25.24 -8.52
N ALA A 409 -19.79 -25.47 -9.84
CA ALA A 409 -18.87 -24.72 -10.71
C ALA A 409 -18.80 -23.24 -10.39
N GLU A 410 -19.96 -22.59 -10.19
CA GLU A 410 -19.95 -21.16 -9.86
C GLU A 410 -19.22 -20.91 -8.55
N GLY A 411 -19.47 -21.75 -7.53
CA GLY A 411 -18.78 -21.59 -6.27
C GLY A 411 -17.28 -21.76 -6.40
N ARG A 412 -16.86 -22.75 -7.20
CA ARG A 412 -15.44 -22.96 -7.41
C ARG A 412 -14.80 -21.76 -8.10
N ALA A 413 -15.49 -21.21 -9.11
CA ALA A 413 -14.97 -20.03 -9.78
C ALA A 413 -14.87 -18.84 -8.82
N LEU A 414 -15.89 -18.67 -7.98
CA LEU A 414 -15.86 -17.56 -7.02
C LEU A 414 -14.72 -17.72 -6.04
N LEU A 415 -14.50 -18.94 -5.53
CA LEU A 415 -13.41 -19.16 -4.60
C LEU A 415 -12.06 -18.94 -5.26
N GLU A 416 -11.90 -19.40 -6.50
CA GLU A 416 -10.64 -19.19 -7.22
C GLU A 416 -10.40 -17.70 -7.41
N GLU A 417 -11.44 -16.94 -7.75
CA GLU A 417 -11.28 -15.50 -7.89
C GLU A 417 -10.90 -14.86 -6.56
N ASP A 418 -11.53 -15.31 -5.48
CA ASP A 418 -11.22 -14.75 -4.16
C ASP A 418 -9.77 -15.00 -3.78
N LEU A 419 -9.26 -16.20 -4.09
CA LEU A 419 -7.92 -16.58 -3.66
C LEU A 419 -6.81 -15.77 -4.33
N HIS A 420 -7.13 -14.82 -5.19
CA HIS A 420 -6.13 -13.94 -5.78
C HIS A 420 -5.91 -12.67 -4.98
N SER A 421 -6.62 -12.50 -3.86
CA SER A 421 -6.49 -11.29 -3.07
C SER A 421 -5.11 -11.22 -2.41
N PRO A 422 -4.68 -10.03 -1.98
CA PRO A 422 -3.42 -9.94 -1.24
C PRO A 422 -3.43 -10.78 0.02
N CYS A 423 -4.60 -11.02 0.62
CA CYS A 423 -4.66 -11.85 1.81
C CYS A 423 -4.16 -13.26 1.53
N THR A 424 -4.56 -13.84 0.40
CA THR A 424 -4.09 -15.18 0.05
C THR A 424 -2.59 -15.21 -0.13
N GLU A 425 -2.03 -14.21 -0.81
CA GLU A 425 -0.59 -14.17 -1.01
C GLU A 425 0.15 -14.04 0.31
N GLU A 426 -0.35 -13.17 1.20
CA GLU A 426 0.30 -13.02 2.50
C GLU A 426 0.20 -14.29 3.32
N ILE A 427 -0.94 -14.98 3.28
CA ILE A 427 -1.07 -16.22 4.01
C ILE A 427 -0.09 -17.26 3.47
N ALA A 428 0.04 -17.34 2.14
CA ALA A 428 0.98 -18.29 1.57
C ALA A 428 2.42 -17.97 1.99
N VAL A 429 2.78 -16.69 1.96
CA VAL A 429 4.14 -16.31 2.36
C VAL A 429 4.37 -16.64 3.82
N PHE A 430 3.38 -16.35 4.67
CA PHE A 430 3.53 -16.64 6.10
C PHE A 430 3.66 -18.14 6.34
N GLN A 431 2.88 -18.95 5.63
CA GLN A 431 2.99 -20.39 5.78
C GLN A 431 4.36 -20.87 5.34
N ALA A 432 4.88 -20.34 4.23
CA ALA A 432 6.21 -20.73 3.80
C ALA A 432 7.26 -20.31 4.82
N PHE A 433 7.04 -19.18 5.49
CA PHE A 433 7.98 -18.72 6.52
C PHE A 433 7.89 -19.52 7.81
N SER A 434 6.74 -20.15 8.07
CA SER A 434 6.57 -20.89 9.32
C SER A 434 7.57 -22.03 9.45
N ARG A 435 7.80 -22.77 8.35
CA ARG A 435 8.75 -23.87 8.42
C ARG A 435 10.16 -23.35 8.70
N ILE A 436 10.53 -22.23 8.07
CA ILE A 436 11.84 -21.63 8.35
C ILE A 436 11.94 -21.26 9.82
N ILE A 437 10.86 -20.68 10.37
CA ILE A 437 10.86 -20.34 11.79
C ILE A 437 11.11 -21.58 12.63
N ARG A 438 10.37 -22.65 12.35
CA ARG A 438 10.48 -23.85 13.18
C ARG A 438 11.87 -24.48 13.08
N GLU A 439 12.45 -24.53 11.88
CA GLU A 439 13.76 -25.13 11.73
C GLU A 439 14.85 -24.32 12.42
N ALA A 440 14.59 -23.08 12.79
CA ALA A 440 15.55 -22.24 13.49
C ALA A 440 15.18 -22.19 14.96
N GLY A 441 16.12 -22.57 15.82
CA GLY A 441 15.89 -22.60 17.25
C GLY A 441 16.61 -21.47 17.97
N LYS A 442 17.74 -21.78 18.59
CA LYS A 442 18.56 -20.79 19.28
C LYS A 442 19.37 -20.03 18.25
N LYS A 443 18.68 -19.13 17.54
CA LYS A 443 19.30 -18.41 16.44
C LYS A 443 18.37 -17.29 15.99
N PHE A 444 18.96 -16.15 15.62
CA PHE A 444 18.19 -15.01 15.15
C PHE A 444 17.56 -15.34 13.80
N VAL A 445 16.37 -14.77 13.58
CA VAL A 445 15.65 -14.99 12.32
C VAL A 445 15.03 -13.68 11.88
N VAL A 446 15.63 -13.04 10.89
CA VAL A 446 15.11 -11.78 10.34
C VAL A 446 14.22 -12.11 9.16
N MET A 447 13.03 -11.52 9.14
CA MET A 447 12.05 -11.79 8.10
C MET A 447 12.07 -10.66 7.07
N ASP A 448 11.14 -10.71 6.14
CA ASP A 448 11.04 -9.72 5.07
C ASP A 448 9.67 -9.07 4.98
N THR A 449 8.60 -9.82 5.23
CA THR A 449 7.24 -9.28 5.09
C THR A 449 6.32 -10.03 6.05
N ALA A 450 6.00 -9.38 7.15
CA ALA A 450 5.10 -9.99 8.13
C ALA A 450 3.66 -9.88 7.66
N PRO A 451 2.81 -10.85 8.00
CA PRO A 451 1.38 -10.70 7.70
C PRO A 451 0.77 -9.58 8.54
N THR A 452 -0.25 -8.95 7.97
CA THR A 452 -0.95 -7.89 8.68
C THR A 452 -1.82 -8.49 9.78
N GLY A 453 -2.38 -7.61 10.62
CA GLY A 453 -3.20 -8.08 11.72
C GLY A 453 -4.39 -8.89 11.27
N HIS A 454 -5.00 -8.51 10.15
CA HIS A 454 -6.15 -9.25 9.63
C HIS A 454 -5.80 -10.70 9.39
N THR A 455 -4.68 -10.96 8.70
CA THR A 455 -4.31 -12.33 8.39
C THR A 455 -4.07 -13.13 9.67
N LEU A 456 -3.34 -12.54 10.62
CA LEU A 456 -3.04 -13.25 11.86
C LEU A 456 -4.33 -13.60 12.60
N LEU A 457 -5.22 -12.63 12.77
CA LEU A 457 -6.46 -12.89 13.50
C LEU A 457 -7.29 -13.95 12.79
N LEU A 458 -7.41 -13.85 11.48
CA LEU A 458 -8.24 -14.80 10.75
C LEU A 458 -7.68 -16.21 10.84
N LEU A 459 -6.36 -16.35 10.65
CA LEU A 459 -5.75 -17.67 10.71
C LEU A 459 -5.79 -18.25 12.12
N ASP A 460 -5.75 -17.39 13.14
CA ASP A 460 -5.85 -17.87 14.51
C ASP A 460 -7.26 -18.32 14.85
N ALA A 461 -8.27 -17.56 14.40
CA ALA A 461 -9.65 -17.92 14.68
C ALA A 461 -10.05 -19.18 13.93
N THR A 462 -9.69 -19.28 12.65
CA THR A 462 -10.11 -20.44 11.87
C THR A 462 -9.46 -21.72 12.36
N GLY A 463 -8.16 -21.67 12.67
CA GLY A 463 -7.44 -22.85 13.10
C GLY A 463 -7.62 -23.16 14.58
N ALA A 464 -8.16 -22.22 15.36
CA ALA A 464 -8.36 -22.44 16.78
C ALA A 464 -7.05 -22.81 17.47
N THR A 478 -0.13 -29.74 4.09
CA THR A 478 1.21 -29.89 4.64
C THR A 478 1.67 -28.61 5.32
N HIS A 479 1.18 -27.47 4.84
CA HIS A 479 1.55 -26.18 5.40
C HIS A 479 1.01 -26.05 6.83
N PHE A 480 1.83 -25.48 7.71
CA PHE A 480 1.43 -25.22 9.08
C PHE A 480 1.97 -23.85 9.49
N THR A 481 1.18 -23.10 10.24
CA THR A 481 1.52 -21.75 10.63
C THR A 481 1.96 -21.69 12.08
N THR A 482 2.82 -20.74 12.39
CA THR A 482 3.32 -20.60 13.75
C THR A 482 2.19 -20.18 14.68
N PRO A 483 2.14 -20.71 15.90
CA PRO A 483 1.07 -20.32 16.84
C PRO A 483 1.12 -18.82 17.10
N MET A 484 -0.07 -18.22 17.24
CA MET A 484 -0.15 -16.80 17.60
C MET A 484 0.45 -16.54 18.97
N MET A 485 0.56 -17.57 19.81
CA MET A 485 1.13 -17.38 21.14
C MET A 485 2.55 -16.82 21.04
N GLN A 486 3.37 -17.40 20.17
CA GLN A 486 4.74 -16.92 20.03
C GLN A 486 4.79 -15.50 19.51
N LEU A 487 3.97 -15.19 18.50
CA LEU A 487 4.00 -13.84 17.92
C LEU A 487 3.57 -12.80 18.95
N ARG A 488 2.52 -13.08 19.71
CA ARG A 488 2.06 -12.12 20.71
C ARG A 488 3.07 -11.93 21.84
N ASP A 489 3.96 -12.90 22.06
CA ASP A 489 4.91 -12.80 23.15
C ASP A 489 5.86 -11.64 22.91
N PRO A 490 5.96 -10.67 23.82
CA PRO A 490 6.93 -9.57 23.61
C PRO A 490 8.38 -10.01 23.60
N ASN A 491 8.68 -11.19 24.12
CA ASN A 491 10.06 -11.63 24.31
C ASN A 491 10.59 -12.47 23.15
N GLN A 492 9.78 -12.74 22.12
CA GLN A 492 10.23 -13.56 21.01
C GLN A 492 9.77 -13.05 19.65
N THR A 493 9.17 -11.86 19.57
CA THR A 493 8.66 -11.37 18.30
C THR A 493 8.67 -9.84 18.34
N LYS A 494 9.68 -9.23 17.73
CA LYS A 494 9.84 -7.79 17.70
C LYS A 494 9.49 -7.31 16.29
N VAL A 495 8.21 -7.01 16.08
CA VAL A 495 7.71 -6.65 14.75
C VAL A 495 8.07 -5.20 14.55
N LEU A 496 9.15 -4.95 13.80
CA LEU A 496 9.49 -3.58 13.43
C LEU A 496 8.57 -3.19 12.28
N VAL A 497 8.24 -1.90 12.22
CA VAL A 497 7.39 -1.35 11.17
C VAL A 497 8.22 -0.36 10.38
N VAL A 498 8.46 -0.65 9.11
CA VAL A 498 9.22 0.22 8.22
C VAL A 498 8.25 1.12 7.49
N THR A 499 8.54 2.42 7.47
CA THR A 499 7.67 3.40 6.84
C THR A 499 8.49 4.47 6.13
N LEU A 500 8.00 4.91 4.98
CA LEU A 500 8.57 6.07 4.33
C LEU A 500 8.17 7.34 5.06
N ALA A 501 8.93 8.41 4.84
CA ALA A 501 8.72 9.67 5.56
C ALA A 501 7.85 10.60 4.73
N GLU A 502 6.55 10.35 4.77
CA GLU A 502 5.57 11.23 4.13
C GLU A 502 4.25 11.09 4.86
N THR A 503 3.28 11.92 4.47
CA THR A 503 1.99 11.93 5.13
C THR A 503 1.28 10.60 4.99
N THR A 504 0.94 10.22 3.77
CA THR A 504 0.11 9.04 3.51
C THR A 504 0.80 7.76 3.96
N PRO A 505 2.09 7.57 3.67
CA PRO A 505 2.76 6.38 4.21
C PRO A 505 2.70 6.32 5.72
N VAL A 506 2.85 7.44 6.40
CA VAL A 506 2.78 7.45 7.86
C VAL A 506 1.37 7.08 8.32
N LEU A 507 0.34 7.63 7.67
CA LEU A 507 -1.02 7.32 8.08
C LEU A 507 -1.35 5.85 7.87
N GLU A 508 -0.95 5.29 6.73
CA GLU A 508 -1.25 3.88 6.48
C GLU A 508 -0.42 2.98 7.40
N ALA A 509 0.81 3.37 7.72
CA ALA A 509 1.58 2.60 8.70
C ALA A 509 0.93 2.66 10.07
N ALA A 510 0.37 3.81 10.45
CA ALA A 510 -0.37 3.91 11.69
C ALA A 510 -1.60 3.01 11.67
N LYS A 511 -2.28 2.95 10.52
CA LYS A 511 -3.41 2.03 10.39
C LYS A 511 -2.97 0.58 10.57
N LEU A 512 -1.84 0.22 9.96
CA LEU A 512 -1.31 -1.13 10.14
C LEU A 512 -0.97 -1.39 11.59
N GLN A 513 -0.39 -0.41 12.27
CA GLN A 513 -0.07 -0.57 13.69
C GLN A 513 -1.33 -0.78 14.51
N ALA A 514 -2.39 -0.02 14.21
CA ALA A 514 -3.65 -0.19 14.91
C ALA A 514 -4.22 -1.58 14.67
N ASP A 515 -4.14 -2.06 13.43
CA ASP A 515 -4.61 -3.41 13.15
C ASP A 515 -3.81 -4.45 13.93
N LEU A 516 -2.49 -4.30 13.98
CA LEU A 516 -1.67 -5.24 14.74
C LEU A 516 -2.00 -5.19 16.22
N ARG A 517 -2.20 -3.99 16.76
CA ARG A 517 -2.58 -3.88 18.16
C ARG A 517 -3.92 -4.56 18.42
N ARG A 518 -4.85 -4.46 17.47
CA ARG A 518 -6.09 -5.21 17.57
C ARG A 518 -5.80 -6.71 17.58
N ALA A 519 -4.84 -7.16 16.78
CA ALA A 519 -4.46 -8.56 16.77
C ALA A 519 -3.80 -9.00 18.07
N GLY A 520 -3.39 -8.06 18.92
CA GLY A 520 -2.80 -8.37 20.20
C GLY A 520 -1.29 -8.32 20.24
N ILE A 521 -0.63 -7.94 19.15
CA ILE A 521 0.82 -7.88 19.05
C ILE A 521 1.24 -6.43 18.94
N GLU A 522 2.20 -6.02 19.77
CA GLU A 522 2.62 -4.64 19.84
C GLU A 522 3.92 -4.46 19.05
N PRO A 523 3.94 -3.69 17.98
CA PRO A 523 5.21 -3.44 17.29
C PRO A 523 6.25 -2.87 18.24
N TRP A 524 7.46 -3.40 18.14
CA TRP A 524 8.51 -3.05 19.10
C TRP A 524 9.10 -1.67 18.82
N ALA A 525 9.16 -1.26 17.56
CA ALA A 525 9.77 0.01 17.20
C ALA A 525 9.30 0.42 15.82
N TRP A 526 9.83 1.53 15.34
CA TRP A 526 9.53 2.04 14.00
C TRP A 526 10.83 2.39 13.30
N ILE A 527 10.85 2.20 11.98
CA ILE A 527 12.01 2.51 11.16
C ILE A 527 11.53 3.44 10.05
N ILE A 528 11.82 4.72 10.19
CA ILE A 528 11.60 5.67 9.12
C ILE A 528 12.74 5.54 8.13
N ASN A 529 12.42 5.34 6.86
CA ASN A 529 13.40 5.05 5.83
C ASN A 529 13.43 6.16 4.79
N THR A 530 14.61 6.36 4.18
CA THR A 530 14.75 7.30 3.08
C THR A 530 14.53 8.73 3.55
N SER A 531 15.21 9.10 4.63
CA SER A 531 15.11 10.43 5.22
C SER A 531 16.15 11.33 4.58
N VAL A 532 15.74 12.13 3.59
CA VAL A 532 16.66 13.07 2.96
C VAL A 532 17.25 14.01 4.01
N ALA A 533 16.47 14.34 5.03
CA ALA A 533 16.99 15.19 6.11
C ALA A 533 18.18 14.53 6.79
N ALA A 534 18.09 13.23 7.06
CA ALA A 534 19.22 12.51 7.63
C ALA A 534 20.42 12.55 6.70
N ALA A 535 20.20 12.60 5.40
CA ALA A 535 21.28 12.71 4.44
C ALA A 535 21.70 14.17 4.28
N SER A 536 22.86 14.37 3.65
CA SER A 536 23.41 15.70 3.44
C SER A 536 22.72 16.32 2.22
N ALA A 537 21.74 17.18 2.48
CA ALA A 537 21.01 17.89 1.44
C ALA A 537 21.36 19.38 1.51
N LYS A 538 21.78 19.93 0.37
CA LYS A 538 22.19 21.32 0.27
C LYS A 538 21.61 21.98 -0.98
N SER A 539 20.38 21.65 -1.31
CA SER A 539 19.69 22.21 -2.47
C SER A 539 18.27 22.56 -2.06
N PRO A 540 17.61 23.45 -2.80
CA PRO A 540 16.27 23.90 -2.40
C PRO A 540 15.24 22.78 -2.25
N LEU A 541 14.99 22.04 -3.33
CA LEU A 541 13.92 21.04 -3.30
C LEU A 541 14.21 19.96 -2.28
N LEU A 542 15.45 19.49 -2.22
CA LEU A 542 15.82 18.49 -1.21
C LEU A 542 15.66 19.06 0.19
N ARG A 543 15.95 20.35 0.37
CA ARG A 543 15.79 20.97 1.69
C ARG A 543 14.32 21.00 2.11
N GLN A 544 13.43 21.37 1.19
CA GLN A 544 12.01 21.37 1.51
C GLN A 544 11.51 19.96 1.83
N ARG A 545 11.92 18.98 1.03
CA ARG A 545 11.52 17.61 1.32
C ARG A 545 12.07 17.16 2.66
N ALA A 546 13.29 17.58 3.00
CA ALA A 546 13.86 17.24 4.29
C ALA A 546 13.04 17.86 5.43
N ALA A 547 12.58 19.09 5.24
CA ALA A 547 11.74 19.71 6.27
C ALA A 547 10.44 18.93 6.46
N ASN A 548 9.80 18.54 5.35
CA ASN A 548 8.57 17.77 5.46
C ASN A 548 8.82 16.44 6.17
N GLU A 549 9.89 15.75 5.81
CA GLU A 549 10.20 14.48 6.45
C GLU A 549 10.59 14.67 7.91
N LEU A 550 11.17 15.82 8.25
CA LEU A 550 11.43 16.13 9.65
C LEU A 550 10.13 16.27 10.43
N ARG A 551 9.15 16.94 9.83
CA ARG A 551 7.83 17.02 10.48
C ARG A 551 7.25 15.63 10.69
N GLU A 552 7.35 14.78 9.66
CA GLU A 552 6.81 13.42 9.79
C GLU A 552 7.54 12.64 10.88
N ILE A 553 8.87 12.77 10.95
CA ILE A 553 9.64 12.07 11.97
C ILE A 553 9.24 12.56 13.36
N ASN A 554 9.05 13.86 13.49
CA ASN A 554 8.61 14.41 14.78
C ASN A 554 7.27 13.82 15.18
N ALA A 555 6.32 13.75 14.24
CA ALA A 555 5.02 13.18 14.56
C ALA A 555 5.15 11.71 14.97
N VAL A 556 5.95 10.96 14.23
CA VAL A 556 6.15 9.55 14.55
C VAL A 556 6.74 9.36 15.92
N ALA A 557 7.71 10.18 16.31
CA ALA A 557 8.30 10.12 17.64
C ALA A 557 7.35 10.61 18.72
N ASN A 558 6.42 11.50 18.38
CA ASN A 558 5.50 12.04 19.36
C ASN A 558 4.39 11.04 19.71
N HIS A 559 3.59 10.62 18.73
CA HIS A 559 2.38 9.87 19.03
C HIS A 559 2.19 8.61 18.19
N HIS A 560 3.26 7.98 17.72
CA HIS A 560 3.15 6.72 16.98
C HIS A 560 4.02 5.59 17.52
N ALA A 561 5.24 5.89 17.96
CA ALA A 561 6.15 4.86 18.42
C ALA A 561 6.99 5.37 19.58
N ASP A 562 7.29 4.47 20.52
CA ASP A 562 8.12 4.81 21.67
C ASP A 562 9.60 4.66 21.39
N ARG A 563 9.98 4.09 20.25
CA ARG A 563 11.38 3.93 19.89
C ARG A 563 11.46 3.87 18.37
N TYR A 564 12.11 4.85 17.75
CA TYR A 564 12.16 4.96 16.31
C TYR A 564 13.59 5.17 15.85
N ALA A 565 13.87 4.74 14.62
CA ALA A 565 15.19 4.87 14.03
C ALA A 565 15.05 5.38 12.60
N VAL A 566 15.92 6.31 12.22
CA VAL A 566 15.89 6.96 10.92
C VAL A 566 17.05 6.46 10.08
N VAL A 567 16.76 6.02 8.87
CA VAL A 567 17.74 5.50 7.92
C VAL A 567 17.82 6.47 6.75
N PRO A 568 18.98 7.05 6.45
CA PRO A 568 19.05 8.07 5.40
C PRO A 568 18.96 7.46 4.01
N LEU A 569 18.71 8.34 3.03
CA LEU A 569 18.65 7.93 1.63
C LEU A 569 20.08 7.74 1.14
N LEU A 570 20.55 6.50 1.14
CA LEU A 570 21.91 6.23 0.68
C LEU A 570 22.08 6.64 -0.77
N LYS A 571 23.14 7.41 -1.05
CA LYS A 571 23.39 7.86 -2.42
C LYS A 571 23.67 6.67 -3.34
N GLU A 572 24.46 5.71 -2.86
CA GLU A 572 24.73 4.50 -3.61
C GLU A 572 23.67 3.45 -3.32
N GLU A 573 23.21 2.78 -4.36
CA GLU A 573 22.18 1.76 -4.18
C GLU A 573 22.73 0.63 -3.32
N PRO A 574 22.05 0.26 -2.22
CA PRO A 574 22.58 -0.80 -1.34
C PRO A 574 22.26 -2.21 -1.84
N ILE A 575 23.06 -2.67 -2.80
CA ILE A 575 22.88 -3.98 -3.41
C ILE A 575 24.10 -4.87 -3.21
N GLY A 576 25.06 -4.46 -2.39
CA GLY A 576 26.24 -5.26 -2.13
C GLY A 576 26.22 -5.89 -0.76
N ALA A 577 27.40 -6.14 -0.20
CA ALA A 577 27.53 -6.69 1.14
C ALA A 577 28.28 -5.81 2.13
N GLU A 578 29.40 -5.22 1.73
CA GLU A 578 30.13 -4.29 2.60
C GLU A 578 29.50 -2.90 2.63
N ARG A 579 28.75 -2.53 1.58
CA ARG A 579 28.10 -1.23 1.57
C ARG A 579 26.84 -1.20 2.43
N LEU A 580 26.26 -2.36 2.75
CA LEU A 580 25.08 -2.38 3.61
C LEU A 580 25.38 -1.76 4.96
N ARG A 581 26.62 -1.87 5.44
CA ARG A 581 26.96 -1.26 6.72
C ARG A 581 26.68 0.24 6.72
N ALA A 582 26.69 0.86 5.53
CA ALA A 582 26.37 2.28 5.46
C ALA A 582 25.01 2.56 6.09
N LEU A 583 24.04 1.67 5.90
CA LEU A 583 22.74 1.87 6.54
C LEU A 583 22.86 1.83 8.05
N ILE A 584 23.65 0.91 8.59
CA ILE A 584 23.69 0.70 10.04
C ILE A 584 24.65 1.62 10.76
N HIS A 585 25.54 2.30 10.04
CA HIS A 585 26.50 3.22 10.64
C HIS A 585 26.67 4.44 9.73
N PRO A 586 25.63 5.28 9.62
CA PRO A 586 25.70 6.46 8.75
C PRO A 586 26.88 7.37 9.05
PB ADP B . 10.47 -4.28 -0.65
O1B ADP B . 10.98 -4.36 0.77
O2B ADP B . 8.99 -4.02 -0.77
O3B ADP B . 11.00 -5.37 -1.56
PA ADP B . 12.69 -3.01 -1.68
O1A ADP B . 13.53 -3.34 -0.47
O2A ADP B . 12.73 -3.88 -2.91
O3A ADP B . 11.16 -2.94 -1.21
O5' ADP B . 13.01 -1.48 -2.11
C5' ADP B . 13.04 -1.09 -3.48
C4' ADP B . 14.20 -0.14 -3.74
O4' ADP B . 14.35 0.82 -2.69
C3' ADP B . 15.52 -0.90 -3.82
O3' ADP B . 15.93 -1.04 -5.18
C2' ADP B . 16.51 -0.08 -3.01
O2' ADP B . 17.63 0.32 -3.83
C1' ADP B . 15.73 1.13 -2.53
N9 ADP B . 16.07 1.40 -1.11
C8 ADP B . 15.64 0.70 -0.06
N7 ADP B . 16.14 1.21 1.09
C5 ADP B . 16.91 2.25 0.79
C6 ADP B . 17.74 3.23 1.52
N6 ADP B . 17.83 3.18 2.87
N1 ADP B . 18.39 4.16 0.81
C2 ADP B . 18.31 4.23 -0.53
N3 ADP B . 17.58 3.37 -1.26
C4 ADP B . 16.87 2.38 -0.68
PB ADP C . -1.69 10.32 -2.32
O1B ADP C . -3.06 10.93 -2.47
O2B ADP C . -1.35 9.92 -0.90
O3B ADP C . -1.36 9.27 -3.35
PA ADP C . -0.84 12.91 -1.87
O1A ADP C . -1.66 13.83 -2.73
O2A ADP C . -1.26 12.58 -0.46
O3A ADP C . -0.68 11.51 -2.64
O5' ADP C . 0.67 13.46 -1.81
C5' ADP C . 1.20 13.87 -0.55
C4' ADP C . 2.32 14.89 -0.74
O4' ADP C . 3.05 14.64 -1.95
C3' ADP C . 1.78 16.31 -0.84
O3' ADP C . 1.95 17.00 0.41
C2' ADP C . 2.57 16.96 -1.95
O2' ADP C . 3.30 18.09 -1.47
C1' ADP C . 3.51 15.89 -2.47
N9 ADP C . 3.52 15.90 -3.95
C8 ADP C . 2.86 15.05 -4.75
N7 ADP C . 3.09 15.36 -6.06
C5 ADP C . 3.92 16.43 -6.10
C6 ADP C . 4.56 17.25 -7.14
N6 ADP C . 4.35 17.00 -8.45
N1 ADP C . 5.35 18.26 -6.73
C2 ADP C . 5.56 18.54 -5.44
N3 ADP C . 5.00 17.82 -4.44
C4 ADP C . 4.20 16.77 -4.70
MG MG D . 10.28 -6.87 -0.50
MG MG E . -4.42 10.37 -1.20
#